data_4BCI
#
_entry.id   4BCI
#
_cell.length_a   174.110
_cell.length_b   174.110
_cell.length_c   99.261
_cell.angle_alpha   90.00
_cell.angle_beta   90.00
_cell.angle_gamma   120.00
#
_symmetry.space_group_name_H-M   'H 3'
#
loop_
_entity.id
_entity.type
_entity.pdbx_description
1 polymer 'CYCLIN-DEPENDENT KINASE 9'
2 polymer CYCLIN-T1
3 non-polymer 3-[[5-cyano-4-[4-methyl-2-(methylamino)-1,3-thiazol-5-yl]pyrimidin-2-yl]amino]benzenesulfonamide
4 water water
#
loop_
_entity_poly.entity_id
_entity_poly.type
_entity_poly.pdbx_seq_one_letter_code
_entity_poly.pdbx_strand_id
1 'polypeptide(L)'
;GPAKQYDSVECPFCDEVSKYEKLAKIGQGTFGEVFKARHRKTGQKVALKKVLMENEKEGFPITALREIKILQLLKHENVV
NLIEICRTKASPYNRCKGSIYLVFDFCEHDLAGLLSNVLVKFTLSEIKRVMQMLLNGLYYIHRNKILHRDMKAANVLITR
DGVLKLADFGLARAFSLAKNSQPNRY(TPO)NRVVTLWYRPPELLLGERDYGPPIDLWGAGCIMAEMWTRSPIMQGNTEQ
HQLALISQLCGSITPEVWPNVDNYELYEKLELVKGQKRKVKDRLKAYVRDPYALDLIDKLLVLDPAQRIDSDDALNHDFF
WSDPMPSDLKGMLST
;
A
2 'polypeptide(L)'
;GPEGERKNNNKRWYFTREQLENSPSRRFGVDPDKELSYRQQAANLLQDMGQRLNVSQLTINTAIVYMHRFYMIQSFTRFP
GNSVAPAALFLAAKVEGQPKKLEHVIKVAHTCLHPQESLPDTRSEAYLQQVQDLVILESIILQTLGFELTIDHPHTHVVK
CTQLVRASKDLAQTSYFMATNSLHLTTFSLQYTPPVVACVCIHLACKWSNWEIPVSTDGKHWWEYVDATVTLELLDELTH
ELLQILEKTPNRLKRIWNWR
;
B
#
# COMPACT_ATOMS: atom_id res chain seq x y z
N TYR A 6 21.09 -7.25 -24.04
CA TYR A 6 21.26 -6.36 -25.22
C TYR A 6 19.97 -6.17 -26.04
N ASP A 7 19.20 -7.25 -26.23
CA ASP A 7 17.93 -7.18 -26.95
C ASP A 7 16.87 -6.43 -26.11
N SER A 8 16.02 -5.68 -26.79
CA SER A 8 14.93 -4.97 -26.11
C SER A 8 13.81 -5.95 -25.72
N VAL A 9 13.18 -5.74 -24.57
CA VAL A 9 12.09 -6.60 -24.10
C VAL A 9 10.75 -5.87 -23.85
N GLU A 10 9.68 -6.65 -23.92
CA GLU A 10 8.32 -6.10 -23.86
C GLU A 10 7.97 -5.42 -22.54
N CYS A 11 7.15 -4.39 -22.62
CA CYS A 11 6.77 -3.58 -21.48
C CYS A 11 5.55 -2.71 -21.82
N PRO A 12 4.45 -3.38 -22.20
CA PRO A 12 3.16 -2.76 -22.54
C PRO A 12 2.61 -1.85 -21.44
N PHE A 13 3.02 -2.10 -20.20
CA PHE A 13 2.39 -1.49 -19.05
C PHE A 13 3.30 -0.54 -18.32
N CYS A 14 4.40 -0.19 -18.93
CA CYS A 14 5.31 0.78 -18.32
C CYS A 14 5.90 1.61 -19.44
N ASP A 15 5.39 2.83 -19.59
CA ASP A 15 5.84 3.76 -20.62
C ASP A 15 7.16 4.43 -20.23
N GLU A 16 7.94 4.81 -21.23
CA GLU A 16 9.14 5.61 -20.97
C GLU A 16 8.77 7.04 -20.60
N VAL A 17 9.44 7.57 -19.56
CA VAL A 17 9.16 8.92 -19.04
C VAL A 17 9.43 10.01 -20.10
N SER A 18 10.17 9.64 -21.15
CA SER A 18 10.46 10.56 -22.26
C SER A 18 9.18 11.07 -22.93
N LYS A 19 8.04 10.43 -22.67
CA LYS A 19 6.76 10.92 -23.18
C LYS A 19 6.44 12.28 -22.58
N TYR A 20 7.03 12.56 -21.42
CA TYR A 20 6.85 13.82 -20.75
C TYR A 20 8.05 14.69 -21.00
N GLU A 21 7.83 15.99 -21.13
CA GLU A 21 8.91 16.93 -21.32
C GLU A 21 9.11 17.72 -20.03
N LYS A 22 10.28 17.61 -19.44
CA LYS A 22 10.57 18.34 -18.21
C LYS A 22 10.56 19.85 -18.39
N LEU A 23 10.20 20.57 -17.33
CA LEU A 23 10.10 22.02 -17.41
C LEU A 23 10.93 22.76 -16.37
N ALA A 24 10.77 22.38 -15.10
CA ALA A 24 11.40 23.08 -14.00
C ALA A 24 11.24 22.33 -12.68
N LYS A 25 12.30 22.32 -11.88
CA LYS A 25 12.31 21.61 -10.62
C LYS A 25 11.45 22.34 -9.62
N ILE A 26 10.22 21.87 -9.42
CA ILE A 26 9.27 22.57 -8.55
C ILE A 26 9.60 22.53 -7.06
N GLY A 27 10.04 21.37 -6.56
CA GLY A 27 10.40 21.25 -5.17
C GLY A 27 11.37 22.32 -4.71
N GLN A 28 12.33 22.64 -5.58
CA GLN A 28 13.28 23.71 -5.31
C GLN A 28 14.14 23.52 -4.06
N GLY A 29 13.91 22.40 -3.37
CA GLY A 29 14.64 22.08 -2.18
C GLY A 29 15.62 20.96 -2.40
N THR A 30 16.10 20.85 -3.64
CA THR A 30 17.01 19.76 -4.04
C THR A 30 16.52 18.45 -3.40
N PHE A 31 15.20 18.32 -3.27
CA PHE A 31 14.62 17.14 -2.64
C PHE A 31 13.58 16.45 -3.51
N GLY A 32 13.77 15.14 -3.70
CA GLY A 32 12.89 14.30 -4.48
C GLY A 32 13.29 14.17 -5.93
N GLU A 33 14.04 15.16 -6.44
CA GLU A 33 14.19 15.32 -7.88
C GLU A 33 12.79 15.48 -8.50
N VAL A 34 12.02 16.41 -7.97
CA VAL A 34 10.65 16.63 -8.40
C VAL A 34 10.51 17.70 -9.48
N PHE A 35 10.01 17.28 -10.64
CA PHE A 35 9.88 18.20 -11.79
C PHE A 35 8.44 18.45 -12.22
N LYS A 36 8.21 19.62 -12.75
CA LYS A 36 6.99 19.87 -13.51
C LYS A 36 7.24 19.38 -14.92
N ALA A 37 6.25 18.72 -15.51
CA ALA A 37 6.41 18.33 -16.92
C ALA A 37 5.15 18.45 -17.76
N ARG A 38 5.35 18.27 -19.05
CA ARG A 38 4.32 18.45 -20.05
C ARG A 38 4.28 17.22 -20.93
N HIS A 39 3.12 16.60 -21.02
CA HIS A 39 2.95 15.47 -21.89
C HIS A 39 3.17 15.95 -23.32
N ARG A 40 4.08 15.29 -24.05
CA ARG A 40 4.52 15.82 -25.34
C ARG A 40 3.42 15.88 -26.41
N LYS A 41 2.29 15.25 -26.14
CA LYS A 41 1.22 15.20 -27.16
C LYS A 41 0.00 16.02 -26.80
N THR A 42 -0.32 16.08 -25.52
CA THR A 42 -1.58 16.67 -25.05
C THR A 42 -1.36 17.93 -24.24
N GLY A 43 -0.14 18.13 -23.78
CA GLY A 43 0.23 19.41 -23.14
C GLY A 43 -0.14 19.28 -21.68
N GLN A 44 -0.71 18.12 -21.35
CA GLN A 44 -1.12 17.86 -19.96
C GLN A 44 0.04 18.05 -19.00
N LYS A 45 -0.13 18.91 -18.00
CA LYS A 45 0.92 19.14 -17.01
C LYS A 45 0.89 18.06 -15.93
N VAL A 46 2.07 17.59 -15.54
CA VAL A 46 2.20 16.56 -14.52
C VAL A 46 3.38 16.87 -13.60
N ALA A 47 3.49 16.17 -12.48
CA ALA A 47 4.67 16.26 -11.62
C ALA A 47 5.39 14.92 -11.62
N LEU A 48 6.69 14.96 -11.83
CA LEU A 48 7.51 13.76 -11.84
C LEU A 48 8.35 13.70 -10.58
N LYS A 49 8.26 12.56 -9.89
CA LYS A 49 9.17 12.30 -8.78
C LYS A 49 10.01 11.09 -9.14
N LYS A 50 11.31 11.28 -9.23
CA LYS A 50 12.25 10.15 -9.45
C LYS A 50 12.38 9.35 -8.16
N VAL A 51 12.48 8.04 -8.27
CA VAL A 51 12.65 7.16 -7.12
C VAL A 51 14.14 7.06 -6.79
N LEU A 52 14.52 7.75 -5.71
CA LEU A 52 15.92 7.82 -5.30
C LEU A 52 16.55 6.44 -5.06
N MET A 53 17.64 6.16 -5.77
CA MET A 53 18.29 4.87 -5.67
C MET A 53 19.62 5.00 -4.93
N GLU A 54 19.80 6.10 -4.19
CA GLU A 54 21.06 6.32 -3.49
C GLU A 54 21.19 5.36 -2.32
N ASN A 55 22.25 4.56 -2.32
CA ASN A 55 22.44 3.54 -1.29
C ASN A 55 21.31 2.53 -1.14
N GLU A 56 20.71 2.17 -2.26
CA GLU A 56 19.77 1.05 -2.32
C GLU A 56 20.51 -0.26 -2.56
N LYS A 57 20.74 -1.01 -1.48
CA LYS A 57 21.48 -2.25 -1.56
C LYS A 57 20.53 -3.46 -1.63
N GLU A 58 19.24 -3.22 -1.54
CA GLU A 58 18.26 -4.28 -1.43
C GLU A 58 17.26 -4.17 -2.58
N GLY A 59 17.76 -3.96 -3.79
CA GLY A 59 16.88 -3.79 -4.93
C GLY A 59 15.98 -2.58 -4.81
N PHE A 60 14.81 -2.68 -5.44
CA PHE A 60 13.83 -1.59 -5.43
C PHE A 60 13.40 -1.22 -4.01
N PRO A 61 13.57 0.05 -3.63
CA PRO A 61 13.35 0.50 -2.25
C PRO A 61 11.97 0.10 -1.75
N ILE A 62 11.96 -0.59 -0.61
CA ILE A 62 10.72 -1.13 -0.06
C ILE A 62 9.80 0.03 0.32
N THR A 63 10.40 1.16 0.65
CA THR A 63 9.65 2.35 0.99
C THR A 63 8.92 2.93 -0.22
N ALA A 64 9.55 2.85 -1.38
CA ALA A 64 8.87 3.18 -2.62
C ALA A 64 7.69 2.24 -2.83
N LEU A 65 7.93 0.93 -2.66
CA LEU A 65 6.89 -0.06 -2.85
C LEU A 65 5.68 0.26 -2.01
N ARG A 66 5.92 0.62 -0.75
CA ARG A 66 4.83 0.96 0.16
C ARG A 66 4.04 2.16 -0.35
N GLU A 67 4.73 3.27 -0.61
CA GLU A 67 4.10 4.48 -1.11
C GLU A 67 3.26 4.21 -2.36
N ILE A 68 3.85 3.47 -3.29
CA ILE A 68 3.15 3.09 -4.51
C ILE A 68 1.89 2.30 -4.17
N LYS A 69 2.00 1.34 -3.25
CA LYS A 69 0.84 0.56 -2.84
C LYS A 69 -0.27 1.49 -2.35
N ILE A 70 0.12 2.45 -1.51
CA ILE A 70 -0.79 3.41 -0.92
C ILE A 70 -1.40 4.39 -1.95
N LEU A 71 -0.59 4.95 -2.85
CA LEU A 71 -1.14 5.87 -3.88
C LEU A 71 -2.16 5.13 -4.76
N GLN A 72 -1.93 3.84 -4.97
CA GLN A 72 -2.79 3.09 -5.87
C GLN A 72 -4.11 2.84 -5.17
N LEU A 73 -4.08 2.68 -3.86
CA LEU A 73 -5.27 2.43 -3.06
C LEU A 73 -6.11 3.70 -2.88
N LEU A 74 -5.46 4.82 -2.59
CA LEU A 74 -6.13 6.09 -2.34
C LEU A 74 -6.60 6.87 -3.57
N LYS A 75 -7.87 6.76 -3.91
CA LYS A 75 -8.45 7.51 -5.03
C LYS A 75 -9.61 8.38 -4.56
N HIS A 76 -9.35 9.68 -4.45
CA HIS A 76 -10.28 10.58 -3.81
C HIS A 76 -10.03 12.04 -4.20
N GLU A 77 -11.10 12.81 -4.35
CA GLU A 77 -11.00 14.19 -4.82
C GLU A 77 -10.07 15.08 -4.01
N ASN A 78 -9.81 14.75 -2.76
CA ASN A 78 -8.89 15.55 -1.93
C ASN A 78 -7.56 14.88 -1.69
N VAL A 79 -7.21 13.92 -2.53
CA VAL A 79 -5.91 13.26 -2.39
C VAL A 79 -5.20 13.22 -3.72
N VAL A 80 -3.92 13.56 -3.67
CA VAL A 80 -3.05 13.59 -4.84
C VAL A 80 -3.18 12.34 -5.62
N ASN A 81 -3.13 12.47 -6.94
CA ASN A 81 -3.41 11.33 -7.84
C ASN A 81 -2.22 10.79 -8.61
N LEU A 82 -1.89 9.54 -8.36
CA LEU A 82 -0.83 8.90 -9.15
C LEU A 82 -1.40 8.39 -10.46
N ILE A 83 -0.96 8.97 -11.55
CA ILE A 83 -1.41 8.61 -12.88
C ILE A 83 -0.76 7.30 -13.34
N GLU A 84 0.53 7.16 -13.11
CA GLU A 84 1.24 5.97 -13.59
C GLU A 84 2.67 6.04 -13.12
N ILE A 85 3.37 4.93 -13.33
CA ILE A 85 4.81 4.86 -13.04
C ILE A 85 5.58 4.63 -14.34
N CYS A 86 6.63 5.42 -14.54
CA CYS A 86 7.35 5.42 -15.78
C CYS A 86 8.80 4.99 -15.61
N ARG A 87 9.30 4.33 -16.66
CA ARG A 87 10.67 3.84 -16.68
C ARG A 87 11.53 4.70 -17.58
N THR A 88 12.73 4.23 -17.88
CA THR A 88 13.66 5.08 -18.58
C THR A 88 14.55 4.30 -19.52
N GLY A 98 19.09 2.88 -15.82
CA GLY A 98 17.77 2.49 -15.37
C GLY A 98 17.32 3.38 -14.23
N SER A 99 16.07 3.81 -14.27
CA SER A 99 15.51 4.81 -13.31
C SER A 99 13.99 4.82 -13.35
N ILE A 100 13.35 5.27 -12.26
CA ILE A 100 11.90 5.10 -12.15
C ILE A 100 11.23 6.36 -11.64
N TYR A 101 10.07 6.68 -12.22
CA TYR A 101 9.43 7.96 -11.93
C TYR A 101 7.98 7.76 -11.58
N LEU A 102 7.55 8.35 -10.46
CA LEU A 102 6.15 8.41 -10.13
C LEU A 102 5.59 9.62 -10.86
N VAL A 103 4.48 9.42 -11.56
CA VAL A 103 3.88 10.54 -12.30
C VAL A 103 2.58 11.00 -11.66
N PHE A 104 2.51 12.27 -11.25
CA PHE A 104 1.27 12.82 -10.68
C PHE A 104 0.57 13.87 -11.52
N ASP A 105 -0.75 13.95 -11.33
CA ASP A 105 -1.50 15.13 -11.81
C ASP A 105 -0.85 16.37 -11.19
N PHE A 106 -0.52 17.37 -12.02
CA PHE A 106 0.11 18.59 -11.50
C PHE A 106 -0.87 19.50 -10.74
N CYS A 107 -0.40 20.06 -9.62
CA CYS A 107 -1.19 21.00 -8.84
C CYS A 107 -0.51 22.35 -8.90
N GLU A 108 -1.25 23.37 -9.32
CA GLU A 108 -0.71 24.70 -9.48
C GLU A 108 0.00 25.22 -8.22
N HIS A 109 -0.72 25.29 -7.10
CA HIS A 109 -0.14 25.84 -5.88
C HIS A 109 0.09 24.80 -4.78
N ASP A 110 0.83 25.21 -3.75
CA ASP A 110 0.80 24.46 -2.53
C ASP A 110 0.67 25.40 -1.30
N LEU A 111 -0.16 24.98 -0.35
CA LEU A 111 -0.52 25.80 0.79
C LEU A 111 0.65 26.51 1.46
N ALA A 112 1.79 25.84 1.61
CA ALA A 112 2.93 26.49 2.27
C ALA A 112 3.34 27.79 1.54
N GLY A 113 3.43 27.73 0.22
CA GLY A 113 3.76 28.89 -0.60
C GLY A 113 2.74 30.01 -0.50
N LEU A 114 1.45 29.65 -0.57
CA LEU A 114 0.40 30.65 -0.42
C LEU A 114 0.42 31.34 0.94
N LEU A 115 0.61 30.58 2.02
CA LEU A 115 0.65 31.17 3.34
C LEU A 115 1.84 32.12 3.52
N SER A 116 2.93 31.89 2.78
CA SER A 116 4.14 32.70 2.98
C SER A 116 4.09 33.93 2.08
N ASN A 117 3.27 33.86 1.05
CA ASN A 117 3.05 34.96 0.14
C ASN A 117 2.21 36.08 0.78
N VAL A 118 2.85 37.22 1.02
CA VAL A 118 2.18 38.36 1.66
C VAL A 118 0.99 38.88 0.84
N LEU A 119 1.04 38.73 -0.49
CA LEU A 119 -0.02 39.25 -1.35
C LEU A 119 -1.32 38.46 -1.23
N VAL A 120 -1.20 37.13 -1.16
CA VAL A 120 -2.34 36.24 -1.07
C VAL A 120 -3.13 36.52 0.21
N LYS A 121 -4.45 36.46 0.13
CA LYS A 121 -5.27 36.73 1.31
C LYS A 121 -6.57 35.91 1.34
N PHE A 122 -6.81 35.22 2.45
CA PHE A 122 -7.98 34.37 2.59
C PHE A 122 -9.10 35.08 3.37
N THR A 123 -10.34 34.93 2.90
CA THR A 123 -11.50 35.34 3.67
C THR A 123 -11.85 34.23 4.65
N LEU A 124 -12.57 34.56 5.72
CA LEU A 124 -12.95 33.52 6.67
C LEU A 124 -13.70 32.39 5.94
N SER A 125 -14.48 32.78 4.93
CA SER A 125 -15.31 31.83 4.21
C SER A 125 -14.46 30.80 3.45
N GLU A 126 -13.34 31.26 2.91
CA GLU A 126 -12.48 30.43 2.11
C GLU A 126 -11.62 29.53 3.00
N ILE A 127 -11.10 30.11 4.08
CA ILE A 127 -10.32 29.34 5.03
C ILE A 127 -11.17 28.16 5.51
N LYS A 128 -12.45 28.41 5.74
CA LYS A 128 -13.39 27.34 6.07
C LYS A 128 -13.36 26.24 5.02
N ARG A 129 -13.37 26.62 3.76
CA ARG A 129 -13.41 25.65 2.69
C ARG A 129 -12.15 24.78 2.68
N VAL A 130 -11.01 25.42 2.77
CA VAL A 130 -9.73 24.73 2.83
C VAL A 130 -9.72 23.69 3.94
N MET A 131 -10.04 24.11 5.16
CA MET A 131 -10.08 23.19 6.29
C MET A 131 -11.08 22.05 6.09
N GLN A 132 -12.14 22.34 5.36
CA GLN A 132 -13.18 21.35 5.09
C GLN A 132 -12.65 20.28 4.17
N MET A 133 -11.98 20.70 3.10
CA MET A 133 -11.43 19.74 2.15
C MET A 133 -10.34 18.90 2.84
N LEU A 134 -9.47 19.57 3.58
CA LEU A 134 -8.37 18.91 4.25
C LEU A 134 -8.89 17.82 5.19
N LEU A 135 -9.83 18.18 6.07
CA LEU A 135 -10.42 17.23 7.00
C LEU A 135 -11.12 16.08 6.27
N ASN A 136 -11.72 16.39 5.14
CA ASN A 136 -12.38 15.36 4.33
C ASN A 136 -11.33 14.36 3.83
N GLY A 137 -10.21 14.89 3.32
CA GLY A 137 -9.12 14.05 2.89
C GLY A 137 -8.69 13.09 3.98
N LEU A 138 -8.44 13.62 5.16
CA LEU A 138 -8.02 12.79 6.30
C LEU A 138 -9.04 11.71 6.62
N TYR A 139 -10.31 12.09 6.64
CA TYR A 139 -11.36 11.15 6.94
C TYR A 139 -11.28 9.98 5.97
N TYR A 140 -11.08 10.30 4.71
CA TYR A 140 -10.97 9.29 3.66
C TYR A 140 -9.76 8.37 3.82
N ILE A 141 -8.57 8.94 4.03
CA ILE A 141 -7.38 8.10 4.07
C ILE A 141 -7.38 7.22 5.32
N HIS A 142 -7.90 7.75 6.43
CA HIS A 142 -7.97 6.96 7.65
C HIS A 142 -9.00 5.84 7.51
N ARG A 143 -10.14 6.16 6.90
CA ARG A 143 -11.16 5.19 6.57
C ARG A 143 -10.55 4.00 5.86
N ASN A 144 -9.48 4.28 5.10
CA ASN A 144 -8.77 3.27 4.33
C ASN A 144 -7.53 2.76 5.02
N LYS A 145 -7.46 2.98 6.33
CA LYS A 145 -6.43 2.38 7.16
C LYS A 145 -5.06 2.92 6.82
N ILE A 146 -5.00 4.19 6.43
CA ILE A 146 -3.70 4.77 6.15
C ILE A 146 -3.45 5.96 7.07
N LEU A 147 -2.23 6.02 7.61
CA LEU A 147 -1.77 7.17 8.36
C LEU A 147 -0.79 7.94 7.52
N HIS A 148 -1.00 9.25 7.40
CA HIS A 148 -0.20 10.07 6.51
C HIS A 148 1.17 10.35 7.08
N ARG A 149 1.22 10.71 8.35
CA ARG A 149 2.48 10.82 9.11
C ARG A 149 3.40 11.94 8.65
N ASP A 150 2.85 12.87 7.87
CA ASP A 150 3.67 14.01 7.48
C ASP A 150 2.81 15.23 7.14
N MET A 151 1.81 15.46 7.98
CA MET A 151 0.99 16.67 7.92
C MET A 151 1.84 17.93 8.03
N LYS A 152 1.81 18.74 6.99
CA LYS A 152 2.35 20.12 7.08
C LYS A 152 1.93 20.91 5.86
N ALA A 153 1.71 22.21 6.06
CA ALA A 153 1.26 23.08 4.97
C ALA A 153 1.94 22.72 3.65
N ALA A 154 3.21 22.35 3.74
CA ALA A 154 4.01 22.12 2.54
C ALA A 154 3.52 20.92 1.70
N ASN A 155 2.89 19.97 2.39
CA ASN A 155 2.39 18.74 1.77
C ASN A 155 0.91 18.85 1.35
N VAL A 156 0.41 20.08 1.33
CA VAL A 156 -0.98 20.34 1.00
C VAL A 156 -1.04 21.21 -0.25
N LEU A 157 -1.48 20.65 -1.34
CA LEU A 157 -1.52 21.38 -2.61
C LEU A 157 -2.91 21.84 -2.95
N ILE A 158 -3.02 22.86 -3.80
CA ILE A 158 -4.33 23.30 -4.26
C ILE A 158 -4.31 23.46 -5.77
N THR A 159 -5.26 22.84 -6.46
CA THR A 159 -5.33 22.89 -7.92
C THR A 159 -5.74 24.26 -8.42
N ARG A 160 -5.45 24.51 -9.70
CA ARG A 160 -5.80 25.80 -10.30
C ARG A 160 -7.28 26.08 -10.10
N ASP A 161 -8.07 25.05 -9.84
CA ASP A 161 -9.52 25.22 -9.66
C ASP A 161 -9.94 25.23 -8.18
N GLY A 162 -8.97 25.35 -7.29
CA GLY A 162 -9.25 25.55 -5.88
C GLY A 162 -9.63 24.29 -5.13
N VAL A 163 -9.21 23.14 -5.63
CA VAL A 163 -9.43 21.89 -4.93
C VAL A 163 -8.16 21.47 -4.18
N LEU A 164 -8.30 21.18 -2.89
CA LEU A 164 -7.17 20.80 -2.03
C LEU A 164 -6.77 19.34 -2.20
N LYS A 165 -5.46 19.07 -2.27
CA LYS A 165 -4.98 17.69 -2.38
C LYS A 165 -3.94 17.43 -1.34
N LEU A 166 -4.12 16.35 -0.59
CA LEU A 166 -3.13 15.92 0.39
C LEU A 166 -2.07 15.16 -0.39
N ALA A 167 -0.80 15.47 -0.14
CA ALA A 167 0.28 15.00 -1.00
C ALA A 167 1.40 14.39 -0.17
N ASP A 168 2.37 13.80 -0.86
CA ASP A 168 3.57 13.28 -0.20
C ASP A 168 3.27 12.15 0.78
N PHE A 169 3.06 10.96 0.22
CA PHE A 169 2.79 9.77 1.03
C PHE A 169 4.04 8.92 1.23
N GLY A 170 5.20 9.55 1.13
CA GLY A 170 6.48 8.85 1.23
C GLY A 170 6.75 8.29 2.62
N LEU A 171 6.10 8.88 3.62
CA LEU A 171 6.27 8.41 4.99
C LEU A 171 4.96 7.83 5.50
N ALA A 172 3.94 7.80 4.66
CA ALA A 172 2.69 7.19 5.06
C ALA A 172 2.84 5.67 5.22
N ARG A 173 1.84 5.05 5.82
CA ARG A 173 1.85 3.63 6.06
C ARG A 173 0.45 3.17 6.49
N ALA A 174 0.13 1.94 6.16
CA ALA A 174 -1.08 1.29 6.63
C ALA A 174 -1.07 1.04 8.13
N PHE A 175 -2.22 1.09 8.77
CA PHE A 175 -2.34 0.74 10.19
C PHE A 175 -3.54 -0.18 10.41
N SER A 176 -3.68 -0.69 11.63
CA SER A 176 -4.81 -1.55 11.96
C SER A 176 -4.97 -1.79 13.45
N LEU A 177 -5.96 -2.59 13.82
CA LEU A 177 -6.11 -3.08 15.18
C LEU A 177 -5.36 -4.41 15.34
N ALA A 178 -4.80 -4.67 16.53
CA ALA A 178 -4.23 -5.99 16.87
C ALA A 178 -4.58 -6.34 18.30
N PRO A 183 -0.51 -5.77 20.23
CA PRO A 183 -0.24 -4.34 20.40
C PRO A 183 0.81 -3.84 19.41
N ASN A 184 0.48 -2.80 18.65
CA ASN A 184 1.30 -2.37 17.52
C ASN A 184 2.68 -1.82 17.87
N ARG A 185 3.64 -2.04 16.98
CA ARG A 185 4.99 -1.50 17.14
C ARG A 185 5.38 -0.68 15.95
N TYR A 186 4.84 0.54 15.84
CA TYR A 186 5.18 1.43 14.74
C TYR A 186 6.40 2.30 15.03
N ASN A 188 8.78 5.50 15.48
CA ASN A 188 8.56 6.72 16.26
C ASN A 188 8.90 8.05 15.62
N ARG A 189 10.08 8.16 15.02
CA ARG A 189 10.55 9.44 14.53
C ARG A 189 9.91 9.73 13.18
N VAL A 190 8.59 9.80 13.17
CA VAL A 190 7.84 10.21 12.00
C VAL A 190 7.30 11.62 12.23
N VAL A 191 7.06 12.31 11.13
CA VAL A 191 6.48 13.66 11.13
C VAL A 191 7.53 14.73 11.39
N THR A 192 7.53 15.79 10.58
CA THR A 192 8.32 16.97 10.85
C THR A 192 8.17 17.37 12.31
N LEU A 193 9.28 17.85 12.89
CA LEU A 193 9.29 18.23 14.30
C LEU A 193 8.12 19.17 14.71
N TRP A 194 7.88 20.21 13.92
CA TRP A 194 6.97 21.27 14.36
C TRP A 194 5.51 20.83 14.38
N TYR A 195 5.21 19.82 13.59
CA TYR A 195 3.85 19.34 13.48
C TYR A 195 3.73 17.97 14.16
N ARG A 196 4.80 17.52 14.80
CA ARG A 196 4.76 16.27 15.54
C ARG A 196 3.97 16.43 16.84
N PRO A 197 3.06 15.48 17.11
CA PRO A 197 2.21 15.47 18.30
C PRO A 197 2.91 14.90 19.55
N PRO A 198 2.37 15.23 20.74
CA PRO A 198 2.87 14.81 22.04
C PRO A 198 3.16 13.32 22.11
N GLU A 199 2.18 12.51 21.71
CA GLU A 199 2.30 11.04 21.76
C GLU A 199 3.67 10.58 21.28
N LEU A 200 4.05 11.03 20.09
CA LEU A 200 5.31 10.60 19.51
C LEU A 200 6.50 11.05 20.38
N LEU A 201 6.47 12.31 20.77
CA LEU A 201 7.59 12.89 21.52
C LEU A 201 7.75 12.21 22.89
N LEU A 202 6.68 11.64 23.41
CA LEU A 202 6.76 10.84 24.61
C LEU A 202 7.22 9.41 24.33
N GLY A 203 7.52 9.12 23.06
CA GLY A 203 8.04 7.81 22.66
C GLY A 203 7.02 6.74 22.31
N GLU A 204 5.80 7.14 21.97
CA GLU A 204 4.75 6.17 21.66
C GLU A 204 4.96 5.48 20.30
N ARG A 205 4.72 4.17 20.26
CA ARG A 205 4.91 3.39 19.04
C ARG A 205 3.65 2.61 18.72
N ASP A 206 2.61 2.85 19.50
CA ASP A 206 1.31 2.29 19.28
C ASP A 206 0.31 3.44 19.18
N TYR A 207 0.46 4.22 18.12
CA TYR A 207 -0.39 5.37 17.86
C TYR A 207 -1.32 5.11 16.68
N GLY A 208 -2.02 6.15 16.24
CA GLY A 208 -2.95 6.04 15.12
C GLY A 208 -3.34 7.38 14.54
N PRO A 209 -4.52 7.44 13.90
CA PRO A 209 -5.01 8.62 13.15
C PRO A 209 -4.97 9.94 13.91
N PRO A 210 -5.13 9.90 15.24
CA PRO A 210 -5.05 11.14 16.01
C PRO A 210 -3.79 11.98 15.74
N ILE A 211 -2.74 11.39 15.18
CA ILE A 211 -1.48 12.14 15.03
C ILE A 211 -1.56 13.05 13.81
N ASP A 212 -2.35 12.62 12.83
CA ASP A 212 -2.58 13.45 11.65
C ASP A 212 -3.46 14.64 12.02
N LEU A 213 -4.35 14.44 12.98
CA LEU A 213 -5.28 15.52 13.35
C LEU A 213 -4.55 16.65 14.07
N TRP A 214 -3.60 16.28 14.92
CA TRP A 214 -2.72 17.24 15.54
C TRP A 214 -2.08 18.10 14.47
N GLY A 215 -1.61 17.45 13.40
CA GLY A 215 -0.99 18.18 12.29
C GLY A 215 -1.99 19.12 11.61
N ALA A 216 -3.22 18.68 11.49
CA ALA A 216 -4.28 19.47 10.90
C ALA A 216 -4.49 20.71 11.76
N GLY A 217 -4.49 20.50 13.07
CA GLY A 217 -4.55 21.60 14.01
C GLY A 217 -3.51 22.68 13.75
N CYS A 218 -2.23 22.29 13.69
CA CYS A 218 -1.16 23.28 13.51
C CYS A 218 -1.33 24.03 12.19
N ILE A 219 -1.85 23.32 11.18
CA ILE A 219 -2.09 23.91 9.89
C ILE A 219 -3.27 24.88 9.92
N MET A 220 -4.33 24.48 10.61
CA MET A 220 -5.50 25.32 10.72
C MET A 220 -5.09 26.66 11.31
N ALA A 221 -4.40 26.62 12.45
CA ALA A 221 -3.93 27.82 13.12
C ALA A 221 -3.00 28.62 12.20
N GLU A 222 -2.24 27.89 11.39
CA GLU A 222 -1.28 28.50 10.49
C GLU A 222 -1.98 29.30 9.38
N MET A 223 -3.27 29.03 9.20
CA MET A 223 -4.07 29.72 8.18
C MET A 223 -4.24 31.22 8.50
N TRP A 224 -4.09 31.56 9.78
CA TRP A 224 -4.19 32.96 10.21
C TRP A 224 -2.82 33.51 10.59
N THR A 225 -2.03 32.75 11.33
CA THR A 225 -0.70 33.19 11.72
C THR A 225 0.28 33.22 10.54
N ARG A 226 -0.10 32.62 9.43
CA ARG A 226 0.74 32.65 8.25
C ARG A 226 2.14 32.09 8.51
N SER A 227 2.29 31.40 9.65
CA SER A 227 3.59 30.87 10.03
C SER A 227 3.40 29.77 11.08
N PRO A 228 4.15 28.67 10.92
CA PRO A 228 4.05 27.53 11.84
C PRO A 228 4.14 28.01 13.30
N ILE A 229 3.12 27.70 14.07
CA ILE A 229 3.00 28.17 15.46
C ILE A 229 4.12 27.73 16.40
N MET A 230 4.67 26.53 16.23
CA MET A 230 5.61 25.98 17.23
C MET A 230 6.89 25.42 16.60
N GLN A 231 7.94 26.24 16.56
CA GLN A 231 9.14 25.92 15.79
C GLN A 231 10.32 25.53 16.68
N GLY A 232 10.25 24.33 17.25
CA GLY A 232 11.29 23.87 18.15
C GLY A 232 12.59 23.50 17.45
N ASN A 233 13.70 23.53 18.21
CA ASN A 233 14.99 23.13 17.67
C ASN A 233 15.27 21.65 17.87
N THR A 234 14.81 21.15 19.02
CA THR A 234 14.99 19.76 19.40
C THR A 234 13.68 19.25 20.00
N GLU A 235 13.63 17.96 20.33
CA GLU A 235 12.37 17.35 20.79
C GLU A 235 11.92 17.90 22.15
N GLN A 236 12.86 18.03 23.08
CA GLN A 236 12.57 18.68 24.35
C GLN A 236 12.19 20.15 24.17
N HIS A 237 12.86 20.81 23.23
CA HIS A 237 12.54 22.20 22.92
C HIS A 237 11.11 22.30 22.39
N GLN A 238 10.75 21.35 21.53
CA GLN A 238 9.40 21.33 20.94
C GLN A 238 8.39 21.06 22.06
N LEU A 239 8.69 20.04 22.87
CA LEU A 239 7.78 19.65 23.95
C LEU A 239 7.59 20.78 24.95
N ALA A 240 8.60 21.64 25.06
CA ALA A 240 8.50 22.80 25.91
C ALA A 240 7.45 23.76 25.32
N LEU A 241 7.60 24.06 24.04
CA LEU A 241 6.69 24.97 23.36
C LEU A 241 5.23 24.52 23.49
N ILE A 242 5.00 23.23 23.25
CA ILE A 242 3.65 22.66 23.35
C ILE A 242 3.04 22.83 24.74
N SER A 243 3.86 22.62 25.77
CA SER A 243 3.37 22.75 27.15
C SER A 243 3.06 24.22 27.44
N GLN A 244 3.81 25.10 26.80
CA GLN A 244 3.59 26.54 26.92
C GLN A 244 2.51 27.01 25.94
N LEU A 245 1.70 26.07 25.48
CA LEU A 245 0.51 26.43 24.70
C LEU A 245 -0.73 25.65 25.13
N CYS A 246 -0.55 24.35 25.36
CA CYS A 246 -1.67 23.50 25.73
C CYS A 246 -1.62 23.04 27.18
N GLY A 247 -0.79 23.69 27.99
CA GLY A 247 -0.63 23.30 29.37
C GLY A 247 0.42 22.20 29.42
N SER A 248 0.61 21.62 30.59
CA SER A 248 1.60 20.56 30.75
C SER A 248 0.95 19.20 31.00
N ILE A 249 1.69 18.15 30.64
CA ILE A 249 1.18 16.80 30.68
C ILE A 249 0.93 16.36 32.12
N THR A 250 -0.34 16.08 32.40
CA THR A 250 -0.77 15.60 33.71
C THR A 250 -1.67 14.41 33.51
N PRO A 251 -1.48 13.34 34.28
CA PRO A 251 -2.41 12.20 34.22
C PRO A 251 -3.85 12.65 34.44
N GLU A 252 -4.01 13.86 34.98
CA GLU A 252 -5.33 14.45 35.15
C GLU A 252 -5.83 14.96 33.81
N VAL A 253 -4.94 15.63 33.09
CA VAL A 253 -5.23 16.17 31.77
C VAL A 253 -5.12 15.07 30.72
N TRP A 254 -4.07 14.25 30.85
CA TRP A 254 -3.82 13.14 29.94
C TRP A 254 -3.70 11.83 30.69
N PRO A 255 -4.84 11.25 31.10
CA PRO A 255 -4.91 9.99 31.88
C PRO A 255 -3.94 8.92 31.42
N ASN A 256 -3.01 8.55 32.27
CA ASN A 256 -2.12 7.41 31.98
C ASN A 256 -0.82 7.80 31.27
N VAL A 257 -0.59 9.09 31.06
CA VAL A 257 0.72 9.54 30.59
C VAL A 257 1.85 8.90 31.41
N ASP A 258 1.60 8.67 32.69
CA ASP A 258 2.57 8.16 33.60
C ASP A 258 3.43 7.05 33.01
N ASN A 259 2.74 6.04 32.48
CA ASN A 259 3.36 4.76 32.13
C ASN A 259 4.34 4.90 30.98
N TYR A 260 4.52 6.13 30.48
CA TYR A 260 5.54 6.40 29.48
C TYR A 260 6.82 6.77 30.22
N GLU A 261 7.90 6.06 29.91
CA GLU A 261 9.14 6.21 30.66
C GLU A 261 9.74 7.61 30.69
N LEU A 262 9.48 8.41 29.68
CA LEU A 262 10.15 9.69 29.51
C LEU A 262 9.32 10.86 30.07
N TYR A 263 8.28 10.58 30.87
CA TYR A 263 7.30 11.61 31.22
C TYR A 263 7.89 12.81 32.00
N GLU A 264 8.65 12.56 33.07
CA GLU A 264 9.33 13.64 33.79
C GLU A 264 10.81 13.52 33.50
N LYS A 265 11.15 12.34 33.01
CA LYS A 265 12.48 12.01 32.53
C LYS A 265 12.80 12.74 31.22
N LEU A 266 11.89 13.62 30.79
CA LEU A 266 12.15 14.56 29.69
C LEU A 266 12.05 16.01 30.16
N GLU A 267 12.30 16.25 31.45
CA GLU A 267 12.32 17.60 32.04
C GLU A 267 11.15 18.43 31.55
N LEU A 268 9.99 18.26 32.17
CA LEU A 268 8.83 19.07 31.79
C LEU A 268 8.29 19.91 32.94
N VAL A 269 7.75 21.08 32.60
CA VAL A 269 7.29 22.04 33.61
C VAL A 269 6.10 21.45 34.35
N LYS A 270 5.51 22.24 35.24
CA LYS A 270 4.44 21.76 36.10
C LYS A 270 3.38 22.83 36.36
N GLY A 271 3.73 24.09 36.11
CA GLY A 271 2.76 25.18 36.23
C GLY A 271 2.21 25.72 34.92
N GLN A 272 1.93 24.84 33.97
CA GLN A 272 1.46 25.25 32.65
C GLN A 272 -0.06 25.04 32.47
N LYS A 273 -0.76 26.11 32.11
CA LYS A 273 -2.21 26.03 31.90
C LYS A 273 -2.61 26.52 30.50
N ARG A 274 -3.46 25.73 29.84
CA ARG A 274 -3.70 25.89 28.39
C ARG A 274 -4.08 27.31 27.97
N LYS A 275 -3.29 27.85 27.06
CA LYS A 275 -3.51 29.19 26.51
C LYS A 275 -3.74 29.15 24.99
N VAL A 276 -4.23 28.00 24.50
CA VAL A 276 -4.53 27.84 23.08
C VAL A 276 -5.46 28.95 22.59
N LYS A 277 -6.54 29.15 23.32
CA LYS A 277 -7.54 30.15 22.90
C LYS A 277 -7.07 31.57 23.16
N ASP A 278 -6.27 31.76 24.23
CA ASP A 278 -5.76 33.09 24.57
C ASP A 278 -4.67 33.57 23.60
N ARG A 279 -3.74 32.70 23.28
CA ARG A 279 -2.55 33.07 22.53
C ARG A 279 -2.91 33.33 21.06
N LEU A 280 -3.95 32.66 20.58
CA LEU A 280 -4.38 32.77 19.21
C LEU A 280 -5.59 33.66 19.05
N LYS A 281 -6.22 33.99 20.18
CA LYS A 281 -7.34 34.94 20.21
C LYS A 281 -7.14 36.08 19.21
N ALA A 282 -5.93 36.64 19.23
CA ALA A 282 -5.53 37.76 18.39
C ALA A 282 -5.74 37.47 16.90
N TYR A 283 -4.98 36.51 16.38
CA TYR A 283 -5.00 36.18 14.96
C TYR A 283 -6.35 35.70 14.43
N VAL A 284 -6.98 34.79 15.17
CA VAL A 284 -8.32 34.33 14.81
C VAL A 284 -9.37 35.14 15.58
N ARG A 285 -10.36 35.66 14.85
CA ARG A 285 -11.49 36.32 15.50
C ARG A 285 -12.58 35.28 15.78
N ASP A 286 -13.21 34.78 14.73
CA ASP A 286 -14.34 33.85 14.85
C ASP A 286 -14.19 32.85 15.99
N PRO A 287 -15.19 32.79 16.88
CA PRO A 287 -15.13 31.93 18.07
C PRO A 287 -15.14 30.44 17.71
N TYR A 288 -15.94 30.08 16.70
CA TYR A 288 -15.99 28.71 16.18
C TYR A 288 -14.64 28.21 15.66
N ALA A 289 -13.97 29.03 14.88
CA ALA A 289 -12.63 28.72 14.41
C ALA A 289 -11.70 28.38 15.58
N LEU A 290 -11.73 29.22 16.61
CA LEU A 290 -10.90 29.01 17.78
C LEU A 290 -11.31 27.73 18.50
N ASP A 291 -12.63 27.49 18.61
CA ASP A 291 -13.12 26.33 19.30
C ASP A 291 -12.69 25.04 18.63
N LEU A 292 -12.69 25.04 17.30
CA LEU A 292 -12.27 23.86 16.55
C LEU A 292 -10.76 23.63 16.70
N ILE A 293 -9.97 24.69 16.47
CA ILE A 293 -8.53 24.58 16.68
C ILE A 293 -8.24 23.99 18.06
N ASP A 294 -8.98 24.47 19.05
CA ASP A 294 -8.79 24.05 20.42
C ASP A 294 -9.05 22.55 20.58
N LYS A 295 -10.02 22.03 19.82
CA LYS A 295 -10.37 20.62 19.89
C LYS A 295 -9.42 19.73 19.08
N LEU A 296 -8.73 20.33 18.11
CA LEU A 296 -7.69 19.63 17.37
C LEU A 296 -6.38 19.56 18.15
N LEU A 297 -5.97 20.68 18.74
CA LEU A 297 -4.68 20.71 19.45
C LEU A 297 -4.84 20.25 20.89
N VAL A 298 -5.49 19.11 21.06
CA VAL A 298 -5.66 18.46 22.36
C VAL A 298 -4.49 17.53 22.66
N LEU A 299 -4.01 17.55 23.90
CA LEU A 299 -2.87 16.74 24.32
C LEU A 299 -3.11 15.23 24.19
N ASP A 300 -4.12 14.74 24.89
CA ASP A 300 -4.38 13.30 24.91
C ASP A 300 -5.01 12.88 23.59
N PRO A 301 -4.27 12.09 22.79
CA PRO A 301 -4.72 11.64 21.47
C PRO A 301 -6.09 11.00 21.53
N ALA A 302 -6.40 10.41 22.66
CA ALA A 302 -7.67 9.69 22.82
C ALA A 302 -8.83 10.66 22.98
N GLN A 303 -8.53 11.89 23.38
CA GLN A 303 -9.59 12.89 23.58
C GLN A 303 -9.52 13.93 22.49
N ARG A 304 -8.58 13.77 21.57
CA ARG A 304 -8.44 14.68 20.43
C ARG A 304 -9.54 14.43 19.42
N ILE A 305 -10.19 15.50 18.98
CA ILE A 305 -11.26 15.39 18.00
C ILE A 305 -10.82 14.66 16.71
N ASP A 306 -11.77 13.92 16.13
CA ASP A 306 -11.46 13.06 15.01
C ASP A 306 -11.98 13.67 13.72
N SER A 307 -11.61 13.08 12.59
CA SER A 307 -11.86 13.72 11.30
C SER A 307 -13.37 13.93 11.10
N ASP A 308 -14.16 12.97 11.56
CA ASP A 308 -15.60 13.03 11.38
C ASP A 308 -16.27 14.11 12.21
N ASP A 309 -16.07 14.08 13.52
CA ASP A 309 -16.64 15.05 14.43
C ASP A 309 -16.26 16.49 14.03
N ALA A 310 -15.08 16.62 13.46
CA ALA A 310 -14.56 17.92 13.14
C ALA A 310 -15.41 18.51 12.03
N LEU A 311 -15.78 17.68 11.06
CA LEU A 311 -16.51 18.17 9.89
C LEU A 311 -17.91 18.56 10.31
N ASN A 312 -18.32 18.05 11.46
CA ASN A 312 -19.63 18.35 12.02
C ASN A 312 -19.64 19.66 12.81
N HIS A 313 -18.46 20.11 13.21
CA HIS A 313 -18.30 21.30 14.04
C HIS A 313 -19.00 22.53 13.48
N ASP A 314 -19.59 23.34 14.36
CA ASP A 314 -20.39 24.49 13.93
C ASP A 314 -19.62 25.49 13.08
N PHE A 315 -18.29 25.44 13.17
CA PHE A 315 -17.41 26.24 12.32
C PHE A 315 -17.74 26.09 10.82
N PHE A 316 -18.16 24.89 10.41
CA PHE A 316 -18.49 24.62 9.03
C PHE A 316 -19.97 24.82 8.72
N TRP A 317 -20.73 25.20 9.74
CA TRP A 317 -22.19 25.31 9.54
C TRP A 317 -22.76 26.65 10.06
N SER A 318 -21.90 27.66 10.05
CA SER A 318 -22.25 29.00 10.47
C SER A 318 -21.78 30.00 9.41
N ASP A 319 -22.26 31.24 9.50
CA ASP A 319 -21.89 32.26 8.53
C ASP A 319 -20.55 32.87 8.85
N PRO A 320 -19.76 33.20 7.81
CA PRO A 320 -20.09 32.88 6.42
C PRO A 320 -19.89 31.41 6.16
N MET A 321 -20.83 30.76 5.48
CA MET A 321 -20.66 29.37 5.08
C MET A 321 -19.43 29.22 4.18
N PRO A 322 -18.83 28.00 4.16
CA PRO A 322 -17.63 27.73 3.36
C PRO A 322 -17.85 28.08 1.88
N SER A 323 -16.85 28.68 1.24
CA SER A 323 -17.03 29.06 -0.17
C SER A 323 -15.91 28.52 -1.05
N ASP A 324 -16.25 28.25 -2.31
CA ASP A 324 -15.21 27.90 -3.31
C ASP A 324 -14.17 29.03 -3.39
N LEU A 325 -13.03 28.75 -4.00
CA LEU A 325 -11.95 29.72 -3.96
C LEU A 325 -11.06 29.68 -5.19
N LYS A 326 -11.61 30.13 -6.32
CA LYS A 326 -10.80 30.36 -7.53
C LYS A 326 -10.04 31.70 -7.42
N GLY A 327 -10.50 32.59 -6.52
CA GLY A 327 -9.85 33.89 -6.29
C GLY A 327 -8.42 33.85 -5.77
N ASN B 9 -6.35 -1.65 -15.78
CA ASN B 9 -7.79 -2.07 -15.86
C ASN B 9 -8.16 -3.21 -14.90
N ASN B 10 -9.44 -3.28 -14.54
CA ASN B 10 -9.95 -4.39 -13.72
C ASN B 10 -9.77 -5.78 -14.34
N LYS B 11 -9.88 -5.88 -15.66
CA LYS B 11 -9.76 -7.15 -16.34
C LYS B 11 -8.49 -7.27 -17.17
N ARG B 12 -7.51 -6.43 -16.89
CA ARG B 12 -6.22 -6.52 -17.58
C ARG B 12 -5.54 -7.88 -17.40
N TRP B 13 -5.57 -8.40 -16.19
CA TRP B 13 -4.84 -9.65 -15.87
C TRP B 13 -5.79 -10.87 -15.83
N TYR B 14 -6.91 -10.78 -16.54
CA TYR B 14 -7.75 -11.95 -16.73
C TYR B 14 -7.83 -12.27 -18.21
N PHE B 15 -7.64 -13.54 -18.55
CA PHE B 15 -7.50 -13.91 -19.95
C PHE B 15 -8.49 -15.02 -20.33
N THR B 16 -8.87 -15.04 -21.60
CA THR B 16 -9.72 -16.08 -22.15
C THR B 16 -8.88 -17.28 -22.48
N ARG B 17 -9.51 -18.42 -22.77
CA ARG B 17 -8.74 -19.61 -23.08
C ARG B 17 -7.92 -19.39 -24.35
N GLU B 18 -8.49 -18.64 -25.29
CA GLU B 18 -7.80 -18.39 -26.57
C GLU B 18 -6.54 -17.54 -26.36
N GLN B 19 -6.66 -16.53 -25.50
CA GLN B 19 -5.50 -15.75 -25.11
C GLN B 19 -4.45 -16.63 -24.42
N LEU B 20 -4.93 -17.60 -23.65
CA LEU B 20 -4.01 -18.48 -22.95
C LEU B 20 -3.32 -19.42 -23.93
N GLU B 21 -4.03 -19.83 -24.97
CA GLU B 21 -3.41 -20.61 -26.04
C GLU B 21 -2.27 -19.80 -26.69
N ASN B 22 -2.56 -18.55 -27.05
CA ASN B 22 -1.60 -17.69 -27.73
C ASN B 22 -0.66 -16.96 -26.80
N SER B 23 -0.06 -17.69 -25.86
CA SER B 23 0.84 -17.08 -24.89
C SER B 23 2.15 -16.59 -25.54
N PRO B 24 2.85 -15.69 -24.86
CA PRO B 24 4.13 -15.25 -25.43
C PRO B 24 5.05 -16.46 -25.72
N SER B 25 4.93 -17.49 -24.87
CA SER B 25 5.81 -18.65 -25.00
C SER B 25 5.44 -19.47 -26.22
N ARG B 26 4.13 -19.63 -26.47
CA ARG B 26 3.66 -20.39 -27.63
C ARG B 26 4.29 -19.78 -28.89
N ARG B 27 4.44 -18.46 -28.89
CA ARG B 27 4.99 -17.77 -30.03
C ARG B 27 6.41 -18.20 -30.30
N PHE B 28 7.12 -18.66 -29.29
CA PHE B 28 8.49 -19.18 -29.49
C PHE B 28 8.55 -20.71 -29.48
N GLY B 29 7.46 -21.34 -29.86
CA GLY B 29 7.47 -22.77 -30.15
C GLY B 29 7.37 -23.66 -28.93
N VAL B 30 6.71 -23.18 -27.88
CA VAL B 30 6.58 -23.96 -26.67
C VAL B 30 5.17 -24.56 -26.59
N ASP B 31 5.10 -25.89 -26.59
CA ASP B 31 3.84 -26.61 -26.48
C ASP B 31 3.06 -26.12 -25.29
N PRO B 32 1.72 -26.08 -25.40
CA PRO B 32 0.83 -25.83 -24.28
C PRO B 32 1.22 -26.66 -23.05
N ASP B 33 1.54 -27.92 -23.31
CA ASP B 33 1.91 -28.84 -22.25
C ASP B 33 3.18 -28.39 -21.50
N LYS B 34 4.26 -28.15 -22.26
CA LYS B 34 5.52 -27.74 -21.65
C LYS B 34 5.29 -26.48 -20.80
N GLU B 35 4.60 -25.49 -21.37
CA GLU B 35 4.39 -24.24 -20.68
C GLU B 35 3.78 -24.51 -19.30
N LEU B 36 2.75 -25.36 -19.28
CA LEU B 36 2.05 -25.61 -18.03
C LEU B 36 3.03 -26.20 -17.02
N SER B 37 3.89 -27.10 -17.48
CA SER B 37 4.92 -27.68 -16.61
C SER B 37 5.88 -26.60 -16.09
N TYR B 38 6.40 -25.80 -17.03
CA TYR B 38 7.29 -24.71 -16.66
C TYR B 38 6.68 -23.87 -15.53
N ARG B 39 5.38 -23.61 -15.62
CA ARG B 39 4.68 -22.89 -14.56
C ARG B 39 4.67 -23.69 -13.28
N GLN B 40 4.23 -24.94 -13.36
CA GLN B 40 4.15 -25.76 -12.14
C GLN B 40 5.51 -25.85 -11.48
N GLN B 41 6.56 -25.96 -12.28
CA GLN B 41 7.89 -26.07 -11.71
C GLN B 41 8.20 -24.80 -10.92
N ALA B 42 8.02 -23.66 -11.57
CA ALA B 42 8.35 -22.40 -10.91
C ALA B 42 7.65 -22.31 -9.56
N ALA B 43 6.36 -22.65 -9.55
CA ALA B 43 5.54 -22.65 -8.38
C ALA B 43 6.12 -23.55 -7.27
N ASN B 44 6.61 -24.73 -7.65
CA ASN B 44 7.31 -25.60 -6.69
C ASN B 44 8.57 -24.94 -6.12
N LEU B 45 9.38 -24.37 -7.01
CA LEU B 45 10.59 -23.68 -6.58
C LEU B 45 10.24 -22.57 -5.59
N LEU B 46 9.20 -21.82 -5.91
CA LEU B 46 8.74 -20.76 -5.00
C LEU B 46 8.33 -21.34 -3.64
N GLN B 47 7.63 -22.46 -3.68
CA GLN B 47 7.17 -23.10 -2.46
C GLN B 47 8.38 -23.56 -1.64
N ASP B 48 9.32 -24.24 -2.30
CA ASP B 48 10.51 -24.77 -1.66
C ASP B 48 11.32 -23.64 -1.02
N MET B 49 11.70 -22.64 -1.80
CA MET B 49 12.47 -21.51 -1.27
C MET B 49 11.72 -20.78 -0.16
N GLY B 50 10.41 -20.59 -0.34
CA GLY B 50 9.64 -19.82 0.63
C GLY B 50 9.63 -20.50 1.99
N GLN B 51 9.52 -21.82 1.97
CA GLN B 51 9.51 -22.59 3.19
C GLN B 51 10.84 -22.46 3.89
N ARG B 52 11.93 -22.57 3.14
CA ARG B 52 13.26 -22.46 3.74
C ARG B 52 13.58 -21.06 4.23
N LEU B 53 13.06 -20.04 3.54
CA LEU B 53 13.30 -18.65 3.92
C LEU B 53 12.34 -18.28 5.03
N ASN B 54 11.51 -19.27 5.36
CA ASN B 54 10.58 -19.14 6.46
C ASN B 54 9.55 -18.01 6.29
N VAL B 55 9.15 -17.72 5.06
CA VAL B 55 8.10 -16.75 4.83
C VAL B 55 6.73 -17.42 4.79
N SER B 56 5.68 -16.60 4.81
CA SER B 56 4.31 -17.11 4.84
C SER B 56 3.84 -17.69 3.50
N GLN B 57 2.83 -18.56 3.55
CA GLN B 57 2.22 -19.05 2.32
C GLN B 57 1.59 -17.89 1.54
N LEU B 58 1.02 -16.94 2.28
CA LEU B 58 0.52 -15.74 1.62
C LEU B 58 1.58 -15.15 0.66
N THR B 59 2.79 -14.96 1.17
CA THR B 59 3.85 -14.38 0.37
C THR B 59 4.23 -15.28 -0.79
N ILE B 60 4.40 -16.57 -0.52
CA ILE B 60 4.65 -17.52 -1.58
C ILE B 60 3.59 -17.48 -2.70
N ASN B 61 2.33 -17.41 -2.31
CA ASN B 61 1.25 -17.28 -3.27
C ASN B 61 1.41 -15.99 -4.07
N THR B 62 1.72 -14.92 -3.36
CA THR B 62 1.80 -13.64 -4.03
C THR B 62 2.87 -13.77 -5.11
N ALA B 63 3.97 -14.41 -4.77
CA ALA B 63 5.08 -14.58 -5.74
C ALA B 63 4.63 -15.42 -6.93
N ILE B 64 3.95 -16.51 -6.65
CA ILE B 64 3.36 -17.36 -7.70
C ILE B 64 2.45 -16.59 -8.68
N VAL B 65 1.62 -15.69 -8.17
CA VAL B 65 0.72 -14.93 -9.03
C VAL B 65 1.55 -14.01 -9.93
N TYR B 66 2.56 -13.36 -9.34
CA TYR B 66 3.44 -12.50 -10.12
C TYR B 66 4.00 -13.31 -11.29
N MET B 67 4.49 -14.50 -10.96
CA MET B 67 5.03 -15.42 -11.93
C MET B 67 4.05 -15.72 -13.06
N HIS B 68 2.84 -16.11 -12.70
CA HIS B 68 1.82 -16.43 -13.69
C HIS B 68 1.58 -15.25 -14.61
N ARG B 69 1.41 -14.07 -14.04
CA ARG B 69 1.18 -12.87 -14.83
C ARG B 69 2.40 -12.51 -15.66
N PHE B 70 3.58 -12.58 -15.06
CA PHE B 70 4.81 -12.27 -15.77
C PHE B 70 4.90 -13.07 -17.08
N TYR B 71 4.48 -14.33 -17.03
CA TYR B 71 4.58 -15.17 -18.21
C TYR B 71 3.40 -15.08 -19.19
N MET B 72 2.45 -14.21 -18.92
CA MET B 72 1.47 -13.84 -19.93
C MET B 72 2.03 -12.73 -20.82
N ILE B 73 3.17 -12.18 -20.44
CA ILE B 73 3.80 -11.07 -21.16
C ILE B 73 5.17 -11.50 -21.71
N GLN B 74 5.92 -12.22 -20.89
CA GLN B 74 7.25 -12.71 -21.27
C GLN B 74 7.23 -14.19 -21.65
N SER B 75 8.28 -14.60 -22.38
CA SER B 75 8.39 -15.99 -22.77
C SER B 75 9.36 -16.77 -21.88
N PHE B 76 9.00 -18.02 -21.57
CA PHE B 76 9.92 -18.91 -20.88
C PHE B 76 11.23 -19.08 -21.64
N THR B 77 11.17 -18.96 -22.96
CA THR B 77 12.36 -19.11 -23.79
C THR B 77 13.36 -17.97 -23.55
N ARG B 78 12.86 -16.86 -23.06
CA ARG B 78 13.73 -15.70 -22.78
C ARG B 78 14.06 -15.59 -21.29
N PHE B 79 13.08 -15.89 -20.43
CA PHE B 79 13.30 -15.87 -19.00
C PHE B 79 12.97 -17.23 -18.38
N PRO B 80 14.01 -17.98 -18.00
CA PRO B 80 13.81 -19.26 -17.29
C PRO B 80 13.13 -19.06 -15.94
N GLY B 81 12.22 -19.95 -15.58
CA GLY B 81 11.63 -19.96 -14.26
C GLY B 81 12.68 -19.93 -13.17
N ASN B 82 13.74 -20.72 -13.32
CA ASN B 82 14.79 -20.80 -12.26
C ASN B 82 15.42 -19.45 -11.98
N SER B 83 15.13 -18.48 -12.82
CA SER B 83 15.64 -17.11 -12.60
C SER B 83 14.54 -16.21 -12.06
N VAL B 84 13.41 -16.23 -12.73
CA VAL B 84 12.29 -15.39 -12.36
C VAL B 84 11.82 -15.67 -10.92
N ALA B 85 11.74 -16.95 -10.59
CA ALA B 85 11.15 -17.35 -9.31
C ALA B 85 11.84 -16.67 -8.12
N PRO B 86 13.17 -16.83 -7.99
CA PRO B 86 13.84 -16.17 -6.87
C PRO B 86 13.62 -14.64 -6.88
N ALA B 87 13.74 -13.98 -8.01
CA ALA B 87 13.45 -12.55 -8.07
C ALA B 87 12.01 -12.26 -7.63
N ALA B 88 11.06 -13.02 -8.15
CA ALA B 88 9.65 -12.81 -7.81
C ALA B 88 9.39 -12.97 -6.32
N LEU B 89 10.07 -13.94 -5.71
CA LEU B 89 9.90 -14.22 -4.30
C LEU B 89 10.52 -13.09 -3.47
N PHE B 90 11.72 -12.67 -3.87
CA PHE B 90 12.42 -11.56 -3.25
C PHE B 90 11.46 -10.35 -3.18
N LEU B 91 10.79 -10.12 -4.29
CA LEU B 91 9.92 -8.97 -4.43
C LEU B 91 8.67 -9.12 -3.57
N ALA B 92 8.03 -10.29 -3.72
CA ALA B 92 6.82 -10.63 -2.97
C ALA B 92 7.10 -10.43 -1.46
N ALA B 93 8.19 -11.00 -0.98
CA ALA B 93 8.55 -10.85 0.42
C ALA B 93 8.56 -9.38 0.86
N LYS B 94 9.03 -8.51 -0.03
CA LYS B 94 9.19 -7.07 0.33
C LYS B 94 7.80 -6.49 0.39
N VAL B 95 7.01 -6.80 -0.64
CA VAL B 95 5.68 -6.23 -0.76
C VAL B 95 4.79 -6.64 0.42
N GLU B 96 4.93 -7.88 0.88
CA GLU B 96 4.05 -8.38 1.95
C GLU B 96 4.62 -8.13 3.34
N GLY B 97 5.68 -7.32 3.44
CA GLY B 97 6.23 -6.94 4.74
C GLY B 97 6.96 -8.07 5.48
N GLN B 98 7.47 -9.02 4.71
CA GLN B 98 8.39 -10.02 5.23
C GLN B 98 9.65 -9.96 4.41
N PRO B 99 10.32 -8.80 4.41
CA PRO B 99 11.49 -8.58 3.55
C PRO B 99 12.56 -9.59 3.89
N LYS B 100 13.13 -10.23 2.87
CA LYS B 100 14.30 -11.07 3.09
C LYS B 100 15.52 -10.45 2.43
N LYS B 101 16.66 -10.54 3.12
CA LYS B 101 17.88 -9.93 2.56
C LYS B 101 18.29 -10.60 1.24
N LEU B 102 18.68 -9.75 0.30
CA LEU B 102 19.12 -10.17 -1.01
C LEU B 102 20.15 -11.33 -0.94
N GLU B 103 21.19 -11.20 -0.13
CA GLU B 103 22.21 -12.26 -0.02
C GLU B 103 21.51 -13.55 0.40
N HIS B 104 20.65 -13.42 1.39
CA HIS B 104 19.96 -14.56 1.97
C HIS B 104 19.14 -15.31 0.90
N VAL B 105 18.46 -14.56 0.05
CA VAL B 105 17.61 -15.17 -0.98
C VAL B 105 18.46 -15.86 -2.03
N ILE B 106 19.52 -15.20 -2.45
CA ILE B 106 20.41 -15.78 -3.45
C ILE B 106 21.04 -17.10 -2.93
N LYS B 107 21.28 -17.12 -1.64
CA LYS B 107 21.90 -18.26 -0.97
C LYS B 107 20.96 -19.46 -1.07
N VAL B 108 19.72 -19.27 -0.65
CA VAL B 108 18.73 -20.35 -0.65
C VAL B 108 18.36 -20.81 -2.06
N ALA B 109 18.31 -19.87 -3.00
CA ALA B 109 18.03 -20.23 -4.39
C ALA B 109 19.12 -21.17 -4.86
N HIS B 110 20.35 -20.79 -4.58
CA HIS B 110 21.50 -21.58 -5.02
C HIS B 110 21.41 -23.02 -4.54
N THR B 111 21.07 -23.23 -3.27
CA THR B 111 21.11 -24.59 -2.77
C THR B 111 19.88 -25.36 -3.22
N CYS B 112 18.80 -24.66 -3.55
CA CYS B 112 17.61 -25.37 -4.06
C CYS B 112 17.89 -25.87 -5.48
N LEU B 113 18.54 -25.01 -6.28
CA LEU B 113 18.81 -25.35 -7.67
C LEU B 113 20.10 -26.15 -7.86
N HIS B 114 20.98 -26.14 -6.85
CA HIS B 114 22.27 -26.83 -6.94
C HIS B 114 22.66 -27.39 -5.58
N PRO B 115 21.90 -28.37 -5.09
CA PRO B 115 22.11 -28.97 -3.77
C PRO B 115 23.52 -29.41 -3.51
N GLN B 116 24.23 -29.81 -4.58
CA GLN B 116 25.57 -30.34 -4.44
C GLN B 116 26.59 -29.24 -4.67
N GLU B 117 26.31 -28.40 -5.66
CA GLU B 117 27.27 -27.37 -6.04
C GLU B 117 27.78 -26.61 -4.85
N SER B 118 29.00 -26.08 -4.96
CA SER B 118 29.69 -25.50 -3.83
C SER B 118 29.39 -24.02 -3.80
N LEU B 119 29.04 -23.51 -2.61
CA LEU B 119 28.63 -22.10 -2.53
C LEU B 119 29.80 -21.22 -2.91
N PRO B 120 29.55 -20.19 -3.74
CA PRO B 120 30.64 -19.38 -4.28
C PRO B 120 31.14 -18.38 -3.24
N ASP B 121 32.33 -17.83 -3.47
CA ASP B 121 32.84 -16.83 -2.54
C ASP B 121 32.10 -15.53 -2.80
N THR B 122 31.44 -15.01 -1.76
CA THR B 122 30.64 -13.79 -1.92
C THR B 122 31.51 -12.57 -2.25
N ARG B 123 32.76 -12.83 -2.59
CA ARG B 123 33.66 -11.76 -3.03
C ARG B 123 33.91 -11.87 -4.53
N SER B 124 33.59 -13.03 -5.11
CA SER B 124 33.91 -13.31 -6.51
C SER B 124 33.16 -12.44 -7.49
N GLU B 125 33.71 -12.29 -8.69
CA GLU B 125 33.04 -11.60 -9.76
C GLU B 125 31.74 -12.32 -10.12
N ALA B 126 31.78 -13.64 -10.10
CA ALA B 126 30.65 -14.46 -10.52
C ALA B 126 29.46 -14.30 -9.57
N TYR B 127 29.75 -14.01 -8.31
CA TYR B 127 28.70 -13.83 -7.31
C TYR B 127 28.16 -12.40 -7.38
N LEU B 128 29.05 -11.42 -7.37
CA LEU B 128 28.64 -10.03 -7.48
C LEU B 128 27.76 -9.84 -8.70
N GLN B 129 28.01 -10.67 -9.69
CA GLN B 129 27.29 -10.61 -10.96
C GLN B 129 25.86 -11.10 -10.73
N GLN B 130 25.74 -12.26 -10.11
CA GLN B 130 24.42 -12.86 -9.96
C GLN B 130 23.58 -12.10 -8.93
N VAL B 131 24.23 -11.33 -8.07
CA VAL B 131 23.50 -10.43 -7.19
C VAL B 131 22.80 -9.37 -8.03
N GLN B 132 23.59 -8.66 -8.82
CA GLN B 132 23.02 -7.67 -9.75
C GLN B 132 22.06 -8.28 -10.77
N ASP B 133 22.24 -9.56 -11.11
CA ASP B 133 21.35 -10.18 -12.10
C ASP B 133 19.95 -10.30 -11.53
N LEU B 134 19.89 -10.63 -10.23
CA LEU B 134 18.60 -10.76 -9.57
C LEU B 134 17.89 -9.40 -9.48
N VAL B 135 18.62 -8.38 -9.03
CA VAL B 135 18.11 -7.02 -8.97
C VAL B 135 17.58 -6.56 -10.33
N ILE B 136 18.32 -6.86 -11.38
CA ILE B 136 17.91 -6.50 -12.73
C ILE B 136 16.58 -7.18 -13.08
N LEU B 137 16.47 -8.43 -12.67
CA LEU B 137 15.31 -9.22 -13.00
C LEU B 137 14.09 -8.78 -12.20
N GLU B 138 14.31 -8.37 -10.95
CA GLU B 138 13.23 -7.83 -10.12
C GLU B 138 12.62 -6.63 -10.82
N SER B 139 13.49 -5.81 -11.40
CA SER B 139 13.08 -4.64 -12.15
C SER B 139 12.27 -5.00 -13.40
N ILE B 140 12.71 -6.02 -14.12
CA ILE B 140 12.00 -6.42 -15.34
C ILE B 140 10.61 -6.97 -14.95
N ILE B 141 10.53 -7.55 -13.76
CA ILE B 141 9.23 -7.97 -13.23
C ILE B 141 8.34 -6.76 -12.93
N LEU B 142 8.87 -5.81 -12.17
CA LEU B 142 8.09 -4.64 -11.80
C LEU B 142 7.52 -3.95 -13.02
N GLN B 143 8.26 -3.94 -14.11
CA GLN B 143 7.86 -3.19 -15.30
C GLN B 143 6.88 -4.00 -16.13
N THR B 144 7.01 -5.31 -16.05
CA THR B 144 6.12 -6.18 -16.78
C THR B 144 4.74 -6.17 -16.12
N LEU B 145 4.72 -6.09 -14.79
CA LEU B 145 3.46 -6.04 -14.06
C LEU B 145 2.96 -4.60 -13.96
N GLY B 146 3.69 -3.68 -14.54
CA GLY B 146 3.26 -2.28 -14.52
C GLY B 146 3.06 -1.85 -13.08
N PHE B 147 4.00 -2.25 -12.24
CA PHE B 147 3.99 -1.82 -10.81
C PHE B 147 2.68 -2.05 -10.06
N GLU B 148 1.93 -3.03 -10.53
CA GLU B 148 0.70 -3.44 -9.85
C GLU B 148 0.94 -4.72 -9.06
N LEU B 149 1.12 -4.58 -7.74
CA LEU B 149 1.64 -5.66 -6.90
C LEU B 149 0.70 -6.04 -5.78
N THR B 150 -0.40 -5.32 -5.67
CA THR B 150 -1.43 -5.64 -4.69
C THR B 150 -2.23 -6.82 -5.21
N ILE B 151 -2.11 -7.96 -4.57
CA ILE B 151 -2.89 -9.12 -4.95
C ILE B 151 -4.10 -9.34 -4.06
N ASP B 152 -5.17 -9.82 -4.65
CA ASP B 152 -6.37 -10.13 -3.85
C ASP B 152 -6.21 -11.54 -3.27
N HIS B 153 -6.09 -11.64 -1.95
CA HIS B 153 -5.56 -12.88 -1.34
C HIS B 153 -6.61 -14.00 -1.34
N PRO B 154 -6.35 -15.09 -2.07
CA PRO B 154 -7.45 -16.05 -2.31
C PRO B 154 -7.87 -16.75 -1.03
N HIS B 155 -6.94 -17.03 -0.13
CA HIS B 155 -7.31 -17.71 1.13
C HIS B 155 -8.40 -16.97 1.89
N THR B 156 -8.23 -15.67 2.06
CA THR B 156 -9.20 -14.87 2.80
C THR B 156 -10.61 -15.17 2.34
N HIS B 157 -10.75 -15.54 1.07
CA HIS B 157 -12.06 -15.79 0.48
C HIS B 157 -12.58 -17.18 0.86
N VAL B 158 -11.70 -18.17 0.78
CA VAL B 158 -12.07 -19.53 1.12
C VAL B 158 -12.55 -19.58 2.55
N VAL B 159 -11.77 -19.01 3.46
CA VAL B 159 -12.21 -18.90 4.84
C VAL B 159 -13.67 -18.42 4.92
N LYS B 160 -13.92 -17.21 4.44
CA LYS B 160 -15.24 -16.62 4.55
C LYS B 160 -16.27 -17.56 3.93
N CYS B 161 -15.85 -18.26 2.90
CA CYS B 161 -16.74 -19.14 2.13
C CYS B 161 -17.11 -20.39 2.94
N THR B 162 -16.12 -21.23 3.22
CA THR B 162 -16.33 -22.44 4.02
C THR B 162 -17.09 -22.13 5.30
N GLN B 163 -16.89 -20.92 5.80
CA GLN B 163 -17.50 -20.51 7.04
C GLN B 163 -18.98 -20.20 6.88
N LEU B 164 -19.30 -19.32 5.94
CA LEU B 164 -20.70 -19.00 5.64
C LEU B 164 -21.35 -20.19 4.89
N VAL B 165 -21.02 -21.36 5.37
CA VAL B 165 -21.52 -22.64 4.82
C VAL B 165 -21.39 -23.68 5.94
N ARG B 166 -20.76 -23.28 7.03
CA ARG B 166 -20.59 -24.15 8.21
C ARG B 166 -20.05 -25.53 7.88
N ALA B 167 -18.73 -25.62 7.70
CA ALA B 167 -18.06 -26.87 7.40
C ALA B 167 -17.18 -27.27 8.56
N SER B 168 -16.94 -28.57 8.72
CA SER B 168 -16.03 -29.07 9.74
C SER B 168 -14.62 -28.52 9.49
N LYS B 169 -13.77 -28.58 10.51
CA LYS B 169 -12.40 -28.16 10.36
C LYS B 169 -11.86 -28.91 9.16
N ASP B 170 -12.12 -30.21 9.14
CA ASP B 170 -11.65 -31.07 8.07
C ASP B 170 -12.11 -30.58 6.69
N LEU B 171 -13.41 -30.43 6.49
CA LEU B 171 -13.89 -29.86 5.22
C LEU B 171 -13.13 -28.56 4.90
N ALA B 172 -13.00 -27.69 5.89
CA ALA B 172 -12.33 -26.41 5.70
C ALA B 172 -10.86 -26.60 5.32
N GLN B 173 -10.17 -27.40 6.10
CA GLN B 173 -8.75 -27.70 5.81
C GLN B 173 -8.58 -28.12 4.36
N THR B 174 -9.45 -29.02 3.95
CA THR B 174 -9.40 -29.61 2.63
C THR B 174 -9.64 -28.56 1.55
N SER B 175 -10.51 -27.61 1.82
CA SER B 175 -10.80 -26.56 0.83
C SER B 175 -9.58 -25.68 0.62
N TYR B 176 -8.93 -25.33 1.73
CA TYR B 176 -7.72 -24.53 1.70
C TYR B 176 -6.67 -25.28 0.88
N PHE B 177 -6.59 -26.59 1.13
CA PHE B 177 -5.71 -27.46 0.38
C PHE B 177 -5.95 -27.34 -1.14
N MET B 178 -7.22 -27.39 -1.52
CA MET B 178 -7.62 -27.31 -2.91
C MET B 178 -7.15 -25.97 -3.51
N ALA B 179 -7.41 -24.90 -2.75
CA ALA B 179 -7.03 -23.54 -3.15
C ALA B 179 -5.53 -23.45 -3.40
N THR B 180 -4.72 -23.92 -2.47
CA THR B 180 -3.28 -23.75 -2.58
C THR B 180 -2.76 -24.52 -3.81
N ASN B 181 -3.33 -25.71 -4.02
CA ASN B 181 -2.90 -26.52 -5.16
C ASN B 181 -3.37 -25.95 -6.50
N SER B 182 -4.55 -25.34 -6.49
CA SER B 182 -5.08 -24.74 -7.73
C SER B 182 -4.08 -23.69 -8.22
N LEU B 183 -3.42 -23.02 -7.27
CA LEU B 183 -2.41 -22.02 -7.62
C LEU B 183 -1.15 -22.61 -8.26
N HIS B 184 -0.64 -23.70 -7.68
CA HIS B 184 0.56 -24.33 -8.26
C HIS B 184 0.25 -25.01 -9.59
N LEU B 185 -0.91 -25.63 -9.66
CA LEU B 185 -1.19 -26.59 -10.71
C LEU B 185 -2.03 -26.07 -11.88
N THR B 186 -2.75 -24.97 -11.66
CA THR B 186 -3.61 -24.44 -12.73
C THR B 186 -3.40 -22.98 -13.00
N THR B 187 -4.01 -22.50 -14.07
CA THR B 187 -3.99 -21.07 -14.38
C THR B 187 -5.35 -20.45 -14.09
N PHE B 188 -6.06 -20.98 -13.10
CA PHE B 188 -7.36 -20.42 -12.73
C PHE B 188 -7.24 -18.97 -12.30
N SER B 189 -6.14 -18.63 -11.62
CA SER B 189 -5.95 -17.27 -11.14
C SER B 189 -5.78 -16.27 -12.29
N LEU B 190 -5.50 -16.79 -13.48
CA LEU B 190 -5.38 -15.94 -14.67
C LEU B 190 -6.70 -15.88 -15.45
N GLN B 191 -7.71 -16.64 -15.02
CA GLN B 191 -8.97 -16.69 -15.76
C GLN B 191 -10.17 -16.32 -14.91
N TYR B 192 -10.11 -16.62 -13.61
CA TYR B 192 -11.26 -16.48 -12.75
C TYR B 192 -10.91 -15.71 -11.49
N THR B 193 -11.85 -14.91 -11.00
CA THR B 193 -11.58 -14.05 -9.85
C THR B 193 -11.46 -14.91 -8.60
N PRO B 194 -10.72 -14.43 -7.59
CA PRO B 194 -10.53 -15.17 -6.34
C PRO B 194 -11.82 -15.73 -5.72
N PRO B 195 -12.89 -14.91 -5.71
CA PRO B 195 -14.14 -15.39 -5.15
C PRO B 195 -14.68 -16.60 -5.90
N VAL B 196 -14.51 -16.62 -7.21
CA VAL B 196 -15.00 -17.76 -8.00
C VAL B 196 -14.17 -19.00 -7.68
N VAL B 197 -12.85 -18.84 -7.75
CA VAL B 197 -11.95 -19.94 -7.51
C VAL B 197 -12.27 -20.56 -6.17
N ALA B 198 -12.63 -19.72 -5.20
CA ALA B 198 -12.91 -20.19 -3.85
C ALA B 198 -14.08 -21.16 -3.82
N CYS B 199 -15.10 -20.85 -4.63
CA CYS B 199 -16.26 -21.73 -4.77
C CYS B 199 -15.86 -23.08 -5.35
N VAL B 200 -15.04 -23.02 -6.40
CA VAL B 200 -14.54 -24.20 -7.06
C VAL B 200 -13.83 -25.16 -6.09
N CYS B 201 -12.99 -24.59 -5.24
CA CYS B 201 -12.26 -25.35 -4.24
C CYS B 201 -13.19 -25.92 -3.16
N ILE B 202 -14.16 -25.13 -2.71
CA ILE B 202 -15.16 -25.66 -1.80
C ILE B 202 -16.01 -26.75 -2.45
N HIS B 203 -16.48 -26.52 -3.67
CA HIS B 203 -17.25 -27.56 -4.37
C HIS B 203 -16.49 -28.87 -4.37
N LEU B 204 -15.28 -28.85 -4.92
CA LEU B 204 -14.47 -30.08 -5.00
C LEU B 204 -14.21 -30.70 -3.62
N ALA B 205 -13.98 -29.86 -2.61
CA ALA B 205 -13.70 -30.37 -1.28
C ALA B 205 -14.91 -31.17 -0.79
N CYS B 206 -16.10 -30.64 -1.03
CA CYS B 206 -17.34 -31.32 -0.64
C CYS B 206 -17.46 -32.66 -1.39
N LYS B 207 -17.31 -32.62 -2.71
CA LYS B 207 -17.35 -33.82 -3.51
C LYS B 207 -16.36 -34.86 -3.01
N TRP B 208 -15.14 -34.42 -2.69
CA TRP B 208 -14.09 -35.33 -2.28
C TRP B 208 -14.42 -36.04 -0.97
N SER B 209 -15.12 -35.33 -0.09
CA SER B 209 -15.37 -35.84 1.27
C SER B 209 -16.84 -36.14 1.49
N ASN B 210 -17.53 -36.45 0.38
CA ASN B 210 -18.93 -36.86 0.44
C ASN B 210 -19.84 -35.93 1.20
N TRP B 211 -19.53 -34.65 1.27
CA TRP B 211 -20.35 -33.71 2.04
C TRP B 211 -21.31 -33.05 1.08
N GLU B 212 -22.55 -32.86 1.54
CA GLU B 212 -23.59 -32.30 0.70
C GLU B 212 -24.19 -31.09 1.40
N ILE B 213 -24.10 -29.95 0.72
CA ILE B 213 -24.57 -28.71 1.33
C ILE B 213 -26.03 -28.52 0.96
N PRO B 214 -26.92 -28.46 1.97
CA PRO B 214 -28.35 -28.33 1.77
C PRO B 214 -28.72 -26.99 1.15
N VAL B 215 -29.72 -27.00 0.27
CA VAL B 215 -30.17 -25.76 -0.39
C VAL B 215 -30.70 -24.79 0.66
N SER B 216 -30.38 -23.52 0.51
CA SER B 216 -30.83 -22.50 1.46
C SER B 216 -32.35 -22.56 1.60
N THR B 217 -32.88 -21.98 2.68
CA THR B 217 -34.32 -22.04 2.93
C THR B 217 -35.15 -21.58 1.73
N ASP B 218 -34.53 -20.89 0.77
CA ASP B 218 -35.21 -20.41 -0.42
C ASP B 218 -35.28 -21.49 -1.51
N GLY B 219 -34.13 -22.08 -1.83
CA GLY B 219 -33.98 -22.86 -3.05
C GLY B 219 -32.75 -22.39 -3.81
N LYS B 220 -32.07 -21.40 -3.27
CA LYS B 220 -30.83 -20.90 -3.85
C LYS B 220 -29.61 -21.64 -3.31
N HIS B 221 -28.71 -22.01 -4.21
CA HIS B 221 -27.51 -22.76 -3.85
C HIS B 221 -26.52 -21.82 -3.15
N TRP B 222 -25.69 -22.38 -2.25
CA TRP B 222 -24.82 -21.57 -1.41
C TRP B 222 -23.93 -20.56 -2.16
N TRP B 223 -23.39 -20.99 -3.29
CA TRP B 223 -22.44 -20.17 -4.03
C TRP B 223 -23.02 -18.88 -4.56
N GLU B 224 -24.33 -18.83 -4.70
CA GLU B 224 -24.98 -17.61 -5.21
C GLU B 224 -24.84 -16.48 -4.19
N TYR B 225 -24.55 -16.84 -2.95
CA TYR B 225 -24.34 -15.86 -1.91
C TYR B 225 -22.88 -15.44 -1.89
N VAL B 226 -22.07 -16.07 -2.72
CA VAL B 226 -20.65 -15.77 -2.79
C VAL B 226 -20.30 -15.01 -4.07
N ASP B 227 -21.02 -15.33 -5.14
CA ASP B 227 -20.79 -14.71 -6.45
C ASP B 227 -21.94 -14.99 -7.40
N ALA B 228 -22.48 -13.92 -7.99
CA ALA B 228 -23.69 -14.01 -8.80
C ALA B 228 -23.45 -14.70 -10.15
N THR B 229 -22.24 -14.56 -10.66
CA THR B 229 -21.86 -15.13 -11.93
C THR B 229 -21.80 -16.66 -11.90
N VAL B 230 -21.50 -17.21 -10.72
CA VAL B 230 -21.22 -18.65 -10.60
C VAL B 230 -22.40 -19.56 -10.91
N THR B 231 -22.16 -20.58 -11.73
CA THR B 231 -23.18 -21.58 -12.08
C THR B 231 -22.67 -23.00 -11.80
N LEU B 232 -23.60 -23.91 -11.53
CA LEU B 232 -23.28 -25.33 -11.27
C LEU B 232 -22.57 -25.95 -12.46
N GLU B 233 -22.98 -25.56 -13.66
CA GLU B 233 -22.36 -26.04 -14.88
C GLU B 233 -20.86 -25.71 -14.90
N LEU B 234 -20.53 -24.45 -14.63
CA LEU B 234 -19.15 -24.01 -14.58
C LEU B 234 -18.36 -24.70 -13.48
N LEU B 235 -18.92 -24.71 -12.27
CA LEU B 235 -18.25 -25.33 -11.13
C LEU B 235 -17.87 -26.80 -11.42
N ASP B 236 -18.78 -27.55 -12.01
CA ASP B 236 -18.51 -28.93 -12.34
C ASP B 236 -17.38 -29.05 -13.38
N GLU B 237 -17.35 -28.14 -14.34
CA GLU B 237 -16.33 -28.19 -15.36
C GLU B 237 -14.95 -27.90 -14.76
N LEU B 238 -14.88 -26.91 -13.89
CA LEU B 238 -13.60 -26.48 -13.32
C LEU B 238 -13.08 -27.46 -12.25
N THR B 239 -13.98 -28.01 -11.42
CA THR B 239 -13.54 -29.00 -10.44
C THR B 239 -13.02 -30.25 -11.14
N HIS B 240 -13.64 -30.63 -12.24
CA HIS B 240 -13.17 -31.77 -13.00
C HIS B 240 -11.74 -31.54 -13.50
N GLU B 241 -11.48 -30.37 -14.07
CA GLU B 241 -10.13 -30.00 -14.51
C GLU B 241 -9.11 -30.03 -13.38
N LEU B 242 -9.44 -29.39 -12.27
CA LEU B 242 -8.56 -29.40 -11.10
C LEU B 242 -8.34 -30.81 -10.54
N LEU B 243 -9.41 -31.59 -10.40
CA LEU B 243 -9.25 -32.98 -9.95
C LEU B 243 -8.40 -33.79 -10.91
N GLN B 244 -8.50 -33.53 -12.20
CA GLN B 244 -7.69 -34.29 -13.17
C GLN B 244 -6.19 -34.08 -12.93
N ILE B 245 -5.78 -32.84 -12.75
CA ILE B 245 -4.37 -32.56 -12.60
C ILE B 245 -3.93 -33.01 -11.20
N LEU B 246 -4.82 -32.93 -10.22
CA LEU B 246 -4.53 -33.46 -8.87
C LEU B 246 -4.22 -34.96 -8.94
N GLU B 247 -4.93 -35.68 -9.79
CA GLU B 247 -4.70 -37.13 -9.95
C GLU B 247 -3.37 -37.42 -10.65
N LYS B 248 -2.85 -36.43 -11.38
CA LYS B 248 -1.55 -36.59 -12.05
C LYS B 248 -0.38 -36.21 -11.12
N THR B 249 -0.68 -35.65 -9.96
CA THR B 249 0.35 -35.18 -9.06
C THR B 249 0.65 -36.21 -7.96
N PRO B 250 1.78 -36.91 -8.11
CA PRO B 250 2.20 -37.97 -7.18
C PRO B 250 2.08 -37.57 -5.71
N ASN B 251 1.39 -38.39 -4.93
CA ASN B 251 1.24 -38.18 -3.47
C ASN B 251 0.35 -37.01 -3.08
N ARG B 252 0.11 -36.08 -3.99
CA ARG B 252 -0.67 -34.91 -3.62
C ARG B 252 -2.00 -35.32 -2.97
N LEU B 253 -2.77 -36.17 -3.65
CA LEU B 253 -4.08 -36.56 -3.13
C LEU B 253 -3.95 -37.38 -1.87
N LYS B 254 -2.85 -38.12 -1.74
CA LYS B 254 -2.67 -38.95 -0.56
C LYS B 254 -2.84 -38.06 0.69
N ARG B 255 -2.46 -36.80 0.55
CA ARG B 255 -2.50 -35.87 1.67
C ARG B 255 -3.88 -35.60 2.22
N ILE B 256 -4.92 -35.70 1.38
CA ILE B 256 -6.26 -35.48 1.89
C ILE B 256 -7.11 -36.76 1.82
N TRP B 257 -6.48 -37.88 1.53
CA TRP B 257 -7.19 -39.13 1.35
C TRP B 257 -7.52 -39.76 2.69
N ASN B 258 -8.77 -40.11 2.89
CA ASN B 258 -9.18 -40.72 4.13
C ASN B 258 -8.74 -42.17 4.29
N TRP B 259 -7.64 -42.31 5.05
CA TRP B 259 -6.93 -43.59 5.17
C TRP B 259 -7.65 -44.54 6.09
N ARG B 260 -8.46 -43.99 7.00
CA ARG B 260 -9.25 -44.84 7.90
C ARG B 260 -10.28 -45.66 7.09
#